data_2OFD
#
_entry.id   2OFD
#
_cell.length_a   99.485
_cell.length_b   99.485
_cell.length_c   64.007
_cell.angle_alpha   90.00
_cell.angle_beta   90.00
_cell.angle_gamma   90.00
#
_symmetry.space_group_name_H-M   'P 42 21 2'
#
loop_
_entity.id
_entity.type
_entity.pdbx_description
1 polymer 'Sclerotium rolfsii lectin'
2 non-polymer 2-acetamido-2-deoxy-beta-D-galactopyranose
3 non-polymer 'ACETATE ION'
4 water water
#
_entity_poly.entity_id   1
_entity_poly.type   'polypeptide(L)'
_entity_poly.pdbx_seq_one_letter_code
;(ACE)TYKITVRVYQTNPNAFFHPVEKTVWKYANGGTWTITDDQHVLTMGGSGTSGTLRFHADNGESFTATFGVHNYKRW
CDIVTNLAADETGMVINQQYYSQKNREEARERQLSNYEVKNAKGRNFEIVYTEAEGNDLHANLIIG
;
_entity_poly.pdbx_strand_id   A,B
#
# COMPACT_ATOMS: atom_id res chain seq x y z
N THR A 2 -19.80 7.24 -3.79
CA THR A 2 -18.62 6.64 -3.20
C THR A 2 -18.99 5.69 -2.04
N TYR A 3 -18.07 4.79 -1.73
CA TYR A 3 -18.22 3.82 -0.65
C TYR A 3 -17.09 4.00 0.35
N LYS A 4 -17.39 3.74 1.62
CA LYS A 4 -16.37 3.79 2.65
C LYS A 4 -16.41 2.51 3.46
N ILE A 5 -15.24 1.92 3.72
CA ILE A 5 -15.10 0.80 4.67
C ILE A 5 -14.13 1.20 5.79
N THR A 6 -14.64 1.24 7.02
CA THR A 6 -13.82 1.55 8.21
C THR A 6 -13.47 0.25 8.94
N VAL A 7 -12.17 0.02 9.12
CA VAL A 7 -11.65 -1.24 9.67
C VAL A 7 -11.04 -1.06 11.07
N ARG A 8 -11.54 -1.86 12.01
CA ARG A 8 -11.01 -1.91 13.38
C ARG A 8 -10.26 -3.22 13.56
N VAL A 9 -9.00 -3.13 14.01
CA VAL A 9 -8.17 -4.32 14.21
C VAL A 9 -8.15 -4.75 15.68
N TYR A 10 -8.54 -6.00 15.93
CA TYR A 10 -8.52 -6.58 17.27
C TYR A 10 -7.46 -7.69 17.35
N GLN A 11 -6.34 -7.42 18.02
CA GLN A 11 -5.33 -8.47 18.29
C GLN A 11 -5.61 -9.09 19.65
N THR A 12 -6.05 -10.34 19.64
CA THR A 12 -6.57 -10.99 20.84
C THR A 12 -5.57 -11.92 21.53
N ASN A 13 -4.42 -12.16 20.91
CA ASN A 13 -3.47 -13.16 21.40
C ASN A 13 -2.07 -12.61 21.58
N PRO A 14 -1.66 -12.34 22.85
CA PRO A 14 -0.35 -11.75 23.11
C PRO A 14 0.85 -12.67 22.87
N ASN A 15 0.67 -13.83 22.23
CA ASN A 15 1.82 -14.68 21.88
C ASN A 15 2.56 -14.21 20.61
N ALA A 16 2.04 -13.14 20.01
CA ALA A 16 2.60 -12.51 18.82
C ALA A 16 2.10 -11.07 18.70
N PHE A 17 2.79 -10.26 17.89
CA PHE A 17 2.32 -8.91 17.58
C PHE A 17 2.43 -8.67 16.08
N PHE A 18 1.29 -8.48 15.43
CA PHE A 18 1.21 -8.19 14.01
C PHE A 18 1.14 -6.68 13.81
N HIS A 19 1.74 -6.18 12.76
CA HIS A 19 1.52 -4.79 12.38
C HIS A 19 1.37 -4.65 10.86
N PRO A 20 0.66 -3.59 10.42
CA PRO A 20 0.44 -3.36 9.00
C PRO A 20 1.72 -2.93 8.30
N VAL A 21 2.04 -3.60 7.19
CA VAL A 21 3.28 -3.34 6.47
C VAL A 21 3.05 -2.92 5.00
N GLU A 22 1.78 -2.87 4.60
CA GLU A 22 1.40 -2.54 3.23
C GLU A 22 -0.10 -2.23 3.18
N LYS A 23 -0.47 -1.19 2.42
CA LYS A 23 -1.88 -0.85 2.14
C LYS A 23 -2.01 -0.47 0.68
N THR A 24 -2.80 -1.25 -0.07
CA THR A 24 -2.91 -1.08 -1.53
C THR A 24 -4.35 -0.72 -1.93
N VAL A 25 -4.53 -0.07 -3.07
CA VAL A 25 -5.87 0.25 -3.60
C VAL A 25 -5.97 -0.18 -5.06
N TRP A 26 -6.95 -1.03 -5.39
CA TRP A 26 -7.16 -1.49 -6.77
C TRP A 26 -7.73 -0.38 -7.68
N LYS A 27 -7.50 -0.50 -8.98
CA LYS A 27 -7.64 0.61 -9.93
C LYS A 27 -9.05 0.85 -10.52
N TYR A 28 -9.99 -0.06 -10.27
CA TYR A 28 -11.35 0.06 -10.83
C TYR A 28 -12.18 1.09 -10.08
N ALA A 29 -13.33 1.45 -10.64
CA ALA A 29 -14.31 2.33 -9.97
C ALA A 29 -13.72 3.66 -9.48
N ASN A 30 -12.82 4.24 -10.28
CA ASN A 30 -12.13 5.48 -9.93
C ASN A 30 -11.21 5.39 -8.71
N GLY A 31 -10.71 4.18 -8.45
CA GLY A 31 -9.78 3.92 -7.37
C GLY A 31 -10.29 4.33 -5.99
N GLY A 32 -9.39 4.90 -5.19
CA GLY A 32 -9.71 5.27 -3.82
C GLY A 32 -8.47 5.59 -3.00
N THR A 33 -8.65 5.55 -1.68
CA THR A 33 -7.67 6.10 -0.75
C THR A 33 -7.75 5.33 0.59
N TRP A 34 -6.61 4.97 1.18
CA TRP A 34 -6.54 4.56 2.59
C TRP A 34 -6.13 5.75 3.46
N THR A 35 -6.79 5.93 4.58
CA THR A 35 -6.34 6.89 5.57
C THR A 35 -6.51 6.29 6.97
N ILE A 36 -6.13 7.04 7.99
CA ILE A 36 -6.27 6.60 9.38
C ILE A 36 -7.03 7.68 10.16
N THR A 37 -8.11 7.25 10.83
CA THR A 37 -8.90 8.11 11.73
C THR A 37 -9.19 7.33 13.01
N ASP A 38 -8.85 7.94 14.16
CA ASP A 38 -9.07 7.32 15.47
C ASP A 38 -8.57 5.88 15.56
N ASP A 39 -7.34 5.65 15.09
CA ASP A 39 -6.71 4.33 15.08
C ASP A 39 -7.46 3.30 14.22
N GLN A 40 -8.29 3.77 13.29
CA GLN A 40 -9.02 2.91 12.34
C GLN A 40 -8.48 3.11 10.92
N HIS A 41 -8.41 2.02 10.16
CA HIS A 41 -8.01 2.08 8.76
C HIS A 41 -9.25 2.28 7.89
N VAL A 42 -9.29 3.41 7.18
CA VAL A 42 -10.47 3.82 6.45
C VAL A 42 -10.19 3.78 4.96
N LEU A 43 -10.91 2.92 4.25
CA LEU A 43 -10.81 2.82 2.80
C LEU A 43 -11.97 3.54 2.14
N THR A 44 -11.67 4.57 1.34
CA THR A 44 -12.68 5.28 0.57
C THR A 44 -12.51 4.89 -0.90
N MET A 45 -13.62 4.55 -1.56
CA MET A 45 -13.59 4.11 -2.95
C MET A 45 -14.51 4.97 -3.81
N GLY A 46 -14.14 5.18 -5.08
CA GLY A 46 -14.87 6.09 -5.96
C GLY A 46 -16.26 5.61 -6.38
N GLY A 47 -16.56 4.35 -6.08
CA GLY A 47 -17.83 3.71 -6.46
C GLY A 47 -17.78 2.22 -6.13
N SER A 48 -18.78 1.48 -6.58
CA SER A 48 -18.81 0.01 -6.45
C SER A 48 -17.91 -0.62 -7.51
N GLY A 49 -17.19 -1.68 -7.15
CA GLY A 49 -16.35 -2.42 -8.11
C GLY A 49 -14.84 -2.48 -7.89
N THR A 50 -14.37 -1.99 -6.75
CA THR A 50 -12.94 -2.06 -6.43
C THR A 50 -12.72 -2.49 -4.96
N SER A 51 -11.50 -2.35 -4.46
CA SER A 51 -11.13 -2.92 -3.15
C SER A 51 -9.75 -2.41 -2.72
N GLY A 52 -9.34 -2.74 -1.50
CA GLY A 52 -7.99 -2.47 -1.01
C GLY A 52 -7.51 -3.56 -0.08
N THR A 53 -6.20 -3.79 -0.05
CA THR A 53 -5.58 -4.88 0.73
C THR A 53 -4.66 -4.33 1.82
N LEU A 54 -4.82 -4.86 3.04
CA LEU A 54 -3.90 -4.62 4.14
C LEU A 54 -3.07 -5.87 4.36
N ARG A 55 -1.75 -5.73 4.38
CA ARG A 55 -0.88 -6.87 4.71
C ARG A 55 -0.28 -6.66 6.10
N PHE A 56 -0.27 -7.72 6.91
CA PHE A 56 0.27 -7.67 8.27
C PHE A 56 1.40 -8.67 8.40
N HIS A 57 2.40 -8.32 9.21
CA HIS A 57 3.53 -9.21 9.49
C HIS A 57 3.77 -9.22 10.99
N ALA A 58 4.10 -10.40 11.54
CA ALA A 58 4.52 -10.54 12.94
C ALA A 58 6.01 -10.83 13.04
N ASP A 59 6.61 -10.48 14.18
CA ASP A 59 8.04 -10.70 14.43
C ASP A 59 8.48 -12.17 14.33
N ASN A 60 7.52 -13.09 14.50
CA ASN A 60 7.81 -14.53 14.43
C ASN A 60 7.77 -15.10 13.02
N GLY A 61 7.52 -14.24 12.03
CA GLY A 61 7.47 -14.65 10.64
C GLY A 61 6.10 -14.86 10.05
N GLU A 62 5.06 -14.90 10.90
CA GLU A 62 3.69 -15.06 10.42
C GLU A 62 3.23 -13.83 9.65
N SER A 63 2.46 -14.05 8.57
CA SER A 63 1.88 -12.93 7.81
C SER A 63 0.59 -13.34 7.11
N PHE A 64 -0.22 -12.33 6.80
CA PHE A 64 -1.49 -12.53 6.10
C PHE A 64 -1.95 -11.23 5.43
N THR A 65 -2.88 -11.35 4.48
CA THR A 65 -3.53 -10.19 3.88
C THR A 65 -5.00 -10.20 4.26
N ALA A 66 -5.55 -9.00 4.48
CA ALA A 66 -6.99 -8.82 4.65
C ALA A 66 -7.46 -7.83 3.56
N THR A 67 -8.39 -8.26 2.71
CA THR A 67 -8.84 -7.45 1.57
C THR A 67 -10.32 -7.13 1.72
N PHE A 68 -10.69 -5.88 1.47
CA PHE A 68 -12.06 -5.38 1.66
C PHE A 68 -12.49 -4.64 0.41
N GLY A 69 -13.72 -4.85 -0.05
CA GLY A 69 -14.18 -4.13 -1.23
C GLY A 69 -15.69 -4.17 -1.40
N VAL A 70 -16.16 -3.65 -2.53
CA VAL A 70 -17.59 -3.68 -2.89
C VAL A 70 -17.71 -4.24 -4.30
N HIS A 71 -18.55 -5.26 -4.47
CA HIS A 71 -18.77 -5.90 -5.74
C HIS A 71 -20.26 -5.91 -6.07
N ASN A 72 -20.62 -5.29 -7.19
CA ASN A 72 -22.02 -5.03 -7.55
C ASN A 72 -22.85 -4.57 -6.35
N TYR A 73 -22.36 -3.52 -5.69
CA TYR A 73 -23.05 -2.82 -4.61
C TYR A 73 -23.21 -3.63 -3.32
N LYS A 74 -22.52 -4.76 -3.21
CA LYS A 74 -22.49 -5.56 -1.99
C LYS A 74 -21.05 -5.73 -1.49
N ARG A 75 -20.84 -5.57 -0.19
CA ARG A 75 -19.47 -5.69 0.36
C ARG A 75 -18.91 -7.12 0.23
N TRP A 76 -17.59 -7.21 0.16
CA TRP A 76 -16.91 -8.51 0.18
C TRP A 76 -15.62 -8.45 1.01
N CYS A 77 -15.10 -9.61 1.36
CA CYS A 77 -13.81 -9.70 2.06
C CYS A 77 -13.16 -11.06 1.83
N ASP A 78 -11.85 -11.13 2.06
CA ASP A 78 -11.10 -12.38 2.00
C ASP A 78 -9.78 -12.24 2.76
N ILE A 79 -9.30 -13.37 3.30
CA ILE A 79 -8.02 -13.46 3.98
C ILE A 79 -7.14 -14.51 3.32
N VAL A 80 -5.88 -14.18 3.08
CA VAL A 80 -4.89 -15.16 2.59
C VAL A 80 -3.79 -15.28 3.64
N THR A 81 -3.47 -16.51 4.05
CA THR A 81 -2.42 -16.75 5.05
C THR A 81 -1.22 -17.47 4.43
N ASN A 82 -0.20 -17.77 5.25
CA ASN A 82 0.98 -18.53 4.79
C ASN A 82 1.66 -17.89 3.59
N LEU A 83 1.80 -16.56 3.59
CA LEU A 83 2.35 -15.83 2.46
C LEU A 83 3.84 -16.11 2.23
N ALA A 84 4.20 -16.37 0.98
CA ALA A 84 5.60 -16.45 0.58
C ALA A 84 6.17 -15.03 0.50
N ALA A 85 7.49 -14.91 0.44
CA ALA A 85 8.17 -13.60 0.39
C ALA A 85 7.77 -12.79 -0.85
N ASP A 86 7.42 -13.47 -1.93
CA ASP A 86 7.01 -12.81 -3.17
C ASP A 86 5.50 -12.56 -3.29
N GLU A 87 4.76 -12.92 -2.25
CA GLU A 87 3.33 -12.63 -2.19
C GLU A 87 3.12 -11.37 -1.34
N THR A 88 3.45 -10.23 -1.91
CA THR A 88 3.20 -8.95 -1.24
C THR A 88 1.73 -8.56 -1.38
N GLY A 89 1.29 -7.51 -0.69
CA GLY A 89 -0.12 -7.11 -0.72
C GLY A 89 -0.61 -6.70 -2.11
N MET A 90 0.24 -6.00 -2.86
CA MET A 90 -0.12 -5.60 -4.23
C MET A 90 -0.29 -6.79 -5.17
N VAL A 91 0.47 -7.86 -4.93
CA VAL A 91 0.31 -9.12 -5.69
C VAL A 91 -1.07 -9.74 -5.39
N ILE A 92 -1.40 -9.89 -4.10
CA ILE A 92 -2.66 -10.47 -3.67
C ILE A 92 -3.88 -9.65 -4.15
N ASN A 93 -3.81 -8.32 -4.00
CA ASN A 93 -4.92 -7.44 -4.40
C ASN A 93 -5.30 -7.62 -5.88
N GLN A 94 -4.29 -7.74 -6.73
CA GLN A 94 -4.50 -7.90 -8.17
C GLN A 94 -5.16 -9.24 -8.52
N GLN A 95 -4.84 -10.28 -7.77
CA GLN A 95 -5.30 -11.66 -8.03
C GLN A 95 -6.82 -11.82 -7.93
N TYR A 96 -7.49 -10.89 -7.24
CA TYR A 96 -8.96 -10.92 -7.11
C TYR A 96 -9.68 -10.52 -8.39
N TYR A 97 -8.91 -10.09 -9.39
CA TYR A 97 -9.46 -9.71 -10.70
C TYR A 97 -8.75 -10.47 -11.83
N SER A 98 -8.10 -11.57 -11.46
CA SER A 98 -7.26 -12.38 -12.36
C SER A 98 -7.37 -13.89 -12.15
N GLN A 99 -7.22 -14.32 -10.89
CA GLN A 99 -7.06 -15.72 -10.51
C GLN A 99 -8.37 -16.33 -10.01
N LYS A 100 -8.69 -17.53 -10.51
CA LYS A 100 -10.02 -18.13 -10.36
C LYS A 100 -10.57 -18.21 -8.93
N ASN A 101 -9.78 -18.76 -7.99
CA ASN A 101 -10.26 -18.95 -6.63
C ASN A 101 -10.38 -17.63 -5.85
N ARG A 102 -9.48 -16.69 -6.14
CA ARG A 102 -9.59 -15.35 -5.56
C ARG A 102 -10.78 -14.59 -6.12
N GLU A 103 -10.99 -14.65 -7.44
CA GLU A 103 -12.18 -14.04 -8.06
C GLU A 103 -13.48 -14.57 -7.46
N GLU A 104 -13.57 -15.89 -7.29
CA GLU A 104 -14.73 -16.51 -6.68
C GLU A 104 -14.98 -16.06 -5.24
N ALA A 105 -13.89 -15.84 -4.49
CA ALA A 105 -13.99 -15.29 -3.13
C ALA A 105 -14.67 -13.92 -3.15
N ARG A 106 -14.25 -13.05 -4.06
CA ARG A 106 -14.87 -11.75 -4.25
C ARG A 106 -16.35 -11.86 -4.62
N GLU A 107 -16.67 -12.72 -5.59
CA GLU A 107 -18.05 -12.88 -6.06
C GLU A 107 -19.02 -13.38 -4.99
N ARG A 108 -18.50 -14.07 -3.98
CA ARG A 108 -19.31 -14.55 -2.85
C ARG A 108 -19.88 -13.43 -1.97
N GLN A 109 -19.32 -12.24 -2.09
CA GLN A 109 -19.83 -11.05 -1.41
C GLN A 109 -20.08 -11.31 0.08
N LEU A 110 -19.05 -11.82 0.76
CA LEU A 110 -19.18 -12.22 2.16
C LEU A 110 -19.17 -11.05 3.13
N SER A 111 -20.13 -11.05 4.06
CA SER A 111 -20.11 -10.08 5.15
C SER A 111 -19.28 -10.59 6.34
N ASN A 112 -18.87 -11.85 6.27
CA ASN A 112 -17.89 -12.41 7.21
C ASN A 112 -17.20 -13.66 6.70
N TYR A 113 -15.93 -13.80 7.07
CA TYR A 113 -15.09 -14.90 6.60
C TYR A 113 -14.03 -15.20 7.65
N GLU A 114 -13.72 -16.49 7.82
CA GLU A 114 -12.58 -16.89 8.66
C GLU A 114 -11.76 -18.04 8.08
N VAL A 115 -10.48 -18.07 8.42
CA VAL A 115 -9.55 -19.09 7.93
C VAL A 115 -8.35 -19.25 8.89
N LYS A 116 -7.75 -20.44 8.92
CA LYS A 116 -6.57 -20.67 9.76
C LYS A 116 -5.30 -20.79 8.93
N ASN A 117 -4.16 -20.36 9.49
CA ASN A 117 -2.88 -20.58 8.83
C ASN A 117 -2.28 -21.94 9.21
N ALA A 118 -1.11 -22.26 8.65
CA ALA A 118 -0.46 -23.56 8.87
C ALA A 118 -0.10 -23.82 10.33
N LYS A 119 0.13 -22.74 11.08
CA LYS A 119 0.45 -22.84 12.51
C LYS A 119 -0.81 -22.95 13.38
N GLY A 120 -1.97 -22.83 12.75
CA GLY A 120 -3.25 -23.00 13.45
C GLY A 120 -3.89 -21.74 14.01
N ARG A 121 -3.32 -20.57 13.69
CA ARG A 121 -3.91 -19.29 14.13
C ARG A 121 -5.12 -18.95 13.28
N ASN A 122 -6.20 -18.49 13.92
CA ASN A 122 -7.40 -18.10 13.21
C ASN A 122 -7.44 -16.59 12.94
N PHE A 123 -8.04 -16.21 11.80
CA PHE A 123 -8.19 -14.81 11.39
C PHE A 123 -9.62 -14.66 10.90
N GLU A 124 -10.31 -13.60 11.33
CA GLU A 124 -11.69 -13.37 10.90
C GLU A 124 -11.96 -11.93 10.50
N ILE A 125 -12.83 -11.75 9.50
CA ILE A 125 -13.41 -10.45 9.18
C ILE A 125 -14.93 -10.50 9.38
N VAL A 126 -15.49 -9.52 10.10
CA VAL A 126 -16.94 -9.39 10.27
C VAL A 126 -17.39 -7.94 10.06
N TYR A 127 -18.30 -7.71 9.12
CA TYR A 127 -18.88 -6.38 8.92
C TYR A 127 -20.00 -6.11 9.93
N THR A 128 -19.77 -5.14 10.81
CA THR A 128 -20.74 -4.76 11.85
C THR A 128 -21.74 -3.71 11.35
N GLU A 129 -21.34 -2.97 10.31
CA GLU A 129 -22.29 -2.27 9.45
C GLU A 129 -22.07 -2.83 8.05
N ALA A 130 -22.99 -3.71 7.63
CA ALA A 130 -22.82 -4.54 6.43
C ALA A 130 -23.67 -4.15 5.22
N GLU A 131 -24.40 -3.05 5.31
CA GLU A 131 -25.28 -2.58 4.22
C GLU A 131 -25.14 -1.08 4.01
N GLY A 132 -25.38 -0.63 2.78
CA GLY A 132 -25.28 0.79 2.42
C GLY A 132 -23.88 1.22 2.00
N ASN A 133 -23.65 2.53 1.97
CA ASN A 133 -22.35 3.10 1.52
C ASN A 133 -21.33 3.37 2.62
N ASP A 134 -21.76 3.31 3.89
CA ASP A 134 -20.89 3.53 5.03
C ASP A 134 -20.72 2.23 5.84
N LEU A 135 -19.74 1.43 5.43
CA LEU A 135 -19.56 0.08 5.94
C LEU A 135 -18.48 0.03 7.01
N HIS A 136 -18.67 -0.85 7.99
CA HIS A 136 -17.74 -1.00 9.10
C HIS A 136 -17.42 -2.46 9.31
N ALA A 137 -16.14 -2.78 9.46
CA ALA A 137 -15.70 -4.16 9.64
C ALA A 137 -14.67 -4.29 10.77
N ASN A 138 -14.77 -5.39 11.51
CA ASN A 138 -13.77 -5.79 12.49
C ASN A 138 -12.83 -6.82 11.86
N LEU A 139 -11.53 -6.62 12.03
CA LEU A 139 -10.56 -7.65 11.70
C LEU A 139 -10.03 -8.25 13.00
N ILE A 140 -10.28 -9.54 13.19
CA ILE A 140 -9.99 -10.21 14.46
C ILE A 140 -8.86 -11.25 14.31
N ILE A 141 -7.75 -11.00 14.99
CA ILE A 141 -6.59 -11.87 14.90
C ILE A 141 -6.60 -12.82 16.08
N GLY A 142 -6.60 -14.12 15.79
CA GLY A 142 -6.57 -15.14 16.83
C GLY A 142 -5.20 -15.38 17.42
N THR B 2 20.07 -7.23 3.44
CA THR B 2 18.87 -6.38 3.32
C THR B 2 19.22 -4.90 3.13
N TYR B 3 18.27 -4.13 2.61
CA TYR B 3 18.40 -2.69 2.45
C TYR B 3 17.26 -1.98 3.18
N LYS B 4 17.57 -0.80 3.73
CA LYS B 4 16.59 0.02 4.44
C LYS B 4 16.59 1.43 3.86
N ILE B 5 15.39 2.00 3.62
CA ILE B 5 15.25 3.39 3.20
C ILE B 5 14.31 4.15 4.16
N THR B 6 14.83 5.20 4.79
CA THR B 6 14.07 6.00 5.76
C THR B 6 13.68 7.35 5.14
N VAL B 7 12.37 7.63 5.08
CA VAL B 7 11.86 8.80 4.36
C VAL B 7 11.24 9.82 5.32
N ARG B 8 11.68 11.07 5.19
CA ARG B 8 11.15 12.20 5.94
C ARG B 8 10.38 13.10 4.99
N VAL B 9 9.14 13.44 5.36
CA VAL B 9 8.28 14.27 4.51
C VAL B 9 8.24 15.70 5.03
N TYR B 10 8.53 16.64 4.14
CA TYR B 10 8.49 18.09 4.42
C TYR B 10 7.43 18.76 3.55
N GLN B 11 6.48 19.44 4.18
CA GLN B 11 5.48 20.23 3.45
C GLN B 11 5.72 21.72 3.68
N THR B 12 5.99 22.44 2.60
CA THR B 12 6.52 23.79 2.67
C THR B 12 5.51 24.88 2.32
N ASN B 13 4.36 24.49 1.76
CA ASN B 13 3.42 25.45 1.19
C ASN B 13 2.00 25.26 1.76
N PRO B 14 1.59 26.17 2.68
CA PRO B 14 0.27 26.07 3.29
C PRO B 14 -0.94 26.30 2.37
N ASN B 15 -0.76 26.46 1.06
CA ASN B 15 -1.91 26.56 0.15
C ASN B 15 -2.57 25.19 -0.17
N ALA B 16 -1.97 24.11 0.31
CA ALA B 16 -2.50 22.75 0.18
C ALA B 16 -2.02 21.88 1.36
N PHE B 17 -2.65 20.73 1.56
CA PHE B 17 -2.17 19.73 2.52
C PHE B 17 -2.31 18.32 1.95
N PHE B 18 -1.18 17.62 1.84
CA PHE B 18 -1.15 16.25 1.31
C PHE B 18 -1.07 15.25 2.44
N HIS B 19 -1.66 14.08 2.26
CA HIS B 19 -1.44 12.94 3.19
C HIS B 19 -1.23 11.62 2.44
N PRO B 20 -0.51 10.68 3.07
CA PRO B 20 -0.27 9.38 2.44
C PRO B 20 -1.54 8.55 2.39
N VAL B 21 -1.86 8.01 1.21
CA VAL B 21 -3.09 7.23 0.99
C VAL B 21 -2.86 5.80 0.49
N GLU B 22 -1.60 5.41 0.28
CA GLU B 22 -1.27 4.07 -0.19
C GLU B 22 0.23 3.80 0.00
N LYS B 23 0.59 2.57 0.38
CA LYS B 23 1.99 2.15 0.56
C LYS B 23 2.16 0.73 0.07
N THR B 24 2.89 0.56 -1.03
CA THR B 24 2.97 -0.74 -1.71
C THR B 24 4.41 -1.27 -1.70
N VAL B 25 4.58 -2.59 -1.86
CA VAL B 25 5.92 -3.21 -1.92
C VAL B 25 5.96 -4.22 -3.09
N TRP B 26 6.94 -4.06 -3.97
CA TRP B 26 7.09 -4.96 -5.13
C TRP B 26 7.69 -6.31 -4.71
N LYS B 27 7.41 -7.34 -5.52
CA LYS B 27 7.64 -8.76 -5.14
C LYS B 27 9.05 -9.35 -5.32
N TYR B 28 9.95 -8.63 -5.98
CA TYR B 28 11.32 -9.13 -6.23
C TYR B 28 12.18 -9.04 -5.00
N ALA B 29 13.33 -9.73 -5.03
CA ALA B 29 14.32 -9.72 -3.94
C ALA B 29 13.70 -10.01 -2.56
N ASN B 30 12.86 -11.05 -2.49
CA ASN B 30 12.19 -11.48 -1.25
C ASN B 30 11.28 -10.41 -0.63
N GLY B 31 10.80 -9.48 -1.47
CA GLY B 31 9.83 -8.47 -1.05
C GLY B 31 10.34 -7.52 0.02
N GLY B 32 9.47 -7.17 0.96
CA GLY B 32 9.82 -6.22 2.01
C GLY B 32 8.62 -5.72 2.79
N THR B 33 8.78 -4.58 3.43
CA THR B 33 7.87 -4.14 4.49
C THR B 33 7.96 -2.59 4.60
N TRP B 34 6.81 -1.92 4.72
CA TRP B 34 6.76 -0.48 5.11
C TRP B 34 6.39 -0.39 6.59
N THR B 35 7.03 0.50 7.32
CA THR B 35 6.65 0.75 8.69
C THR B 35 6.84 2.24 9.01
N ILE B 36 6.46 2.66 10.22
CA ILE B 36 6.64 4.03 10.66
C ILE B 36 7.44 4.03 11.97
N THR B 37 8.47 4.87 12.03
CA THR B 37 9.29 5.06 13.22
C THR B 37 9.62 6.55 13.36
N ASP B 38 9.28 7.15 14.50
CA ASP B 38 9.54 8.58 14.75
C ASP B 38 9.00 9.46 13.62
N ASP B 39 7.76 9.19 13.20
CA ASP B 39 7.10 9.92 12.12
C ASP B 39 7.79 9.81 10.74
N GLN B 40 8.65 8.80 10.57
CA GLN B 40 9.33 8.53 9.30
C GLN B 40 8.80 7.25 8.67
N HIS B 41 8.65 7.25 7.34
CA HIS B 41 8.25 6.05 6.63
C HIS B 41 9.50 5.25 6.32
N VAL B 42 9.51 4.00 6.79
CA VAL B 42 10.70 3.16 6.65
C VAL B 42 10.38 1.96 5.76
N LEU B 43 11.11 1.82 4.66
CA LEU B 43 10.97 0.66 3.78
C LEU B 43 12.15 -0.30 3.98
N THR B 44 11.88 -1.55 4.34
CA THR B 44 12.93 -2.57 4.44
C THR B 44 12.73 -3.58 3.31
N MET B 45 13.82 -3.91 2.63
CA MET B 45 13.79 -4.82 1.47
C MET B 45 14.75 -6.00 1.66
N GLY B 46 14.36 -7.16 1.12
CA GLY B 46 15.12 -8.41 1.31
C GLY B 46 16.43 -8.48 0.55
N GLY B 47 16.67 -7.53 -0.34
CA GLY B 47 17.90 -7.45 -1.11
C GLY B 47 17.82 -6.34 -2.14
N SER B 48 18.82 -6.27 -3.02
CA SER B 48 18.80 -5.37 -4.15
C SER B 48 17.82 -5.88 -5.21
N GLY B 49 17.08 -4.95 -5.83
CA GLY B 49 16.22 -5.31 -6.96
C GLY B 49 14.71 -5.14 -6.78
N THR B 50 14.30 -4.54 -5.66
CA THR B 50 12.89 -4.23 -5.48
C THR B 50 12.67 -2.77 -5.06
N SER B 51 11.44 -2.41 -4.66
CA SER B 51 11.08 -1.02 -4.36
C SER B 51 9.75 -0.95 -3.61
N GLY B 52 9.39 0.26 -3.16
CA GLY B 52 8.05 0.53 -2.61
C GLY B 52 7.56 1.91 -3.01
N THR B 53 6.24 2.05 -3.16
CA THR B 53 5.61 3.30 -3.59
C THR B 53 4.72 3.89 -2.51
N LEU B 54 4.88 5.21 -2.26
CA LEU B 54 3.97 5.99 -1.42
C LEU B 54 3.13 6.87 -2.33
N ARG B 55 1.80 6.77 -2.23
CA ARG B 55 0.93 7.71 -2.94
C ARG B 55 0.37 8.76 -1.95
N PHE B 56 0.40 10.03 -2.38
CA PHE B 56 -0.10 11.14 -1.56
C PHE B 56 -1.26 11.84 -2.26
N HIS B 57 -2.21 12.33 -1.47
CA HIS B 57 -3.38 13.04 -2.02
C HIS B 57 -3.69 14.30 -1.22
N ALA B 58 -4.06 15.38 -1.90
CA ALA B 58 -4.48 16.63 -1.23
C ALA B 58 -5.99 16.84 -1.38
N ASP B 59 -6.59 17.58 -0.45
CA ASP B 59 -8.04 17.87 -0.49
C ASP B 59 -8.50 18.56 -1.78
N ASN B 60 -7.61 19.35 -2.39
CA ASN B 60 -7.94 20.09 -3.59
C ASN B 60 -7.88 19.26 -4.89
N GLY B 61 -7.55 17.98 -4.77
CA GLY B 61 -7.53 17.08 -5.93
C GLY B 61 -6.16 16.65 -6.43
N GLU B 62 -5.11 17.39 -6.05
CA GLU B 62 -3.74 17.08 -6.46
C GLU B 62 -3.26 15.76 -5.85
N SER B 63 -2.46 15.01 -6.60
CA SER B 63 -1.86 13.77 -6.10
C SER B 63 -0.61 13.35 -6.86
N PHE B 64 0.22 12.51 -6.23
CA PHE B 64 1.47 12.06 -6.83
C PHE B 64 1.97 10.79 -6.16
N THR B 65 2.88 10.09 -6.82
CA THR B 65 3.52 8.93 -6.21
C THR B 65 4.99 9.26 -6.00
N ALA B 66 5.55 8.74 -4.92
CA ALA B 66 7.00 8.79 -4.66
C ALA B 66 7.47 7.36 -4.45
N THR B 67 8.39 6.90 -5.29
CA THR B 67 8.86 5.52 -5.24
C THR B 67 10.36 5.49 -4.90
N PHE B 68 10.74 4.52 -4.05
CA PHE B 68 12.10 4.41 -3.50
C PHE B 68 12.51 2.95 -3.60
N GLY B 69 13.75 2.68 -4.00
CA GLY B 69 14.24 1.30 -4.02
C GLY B 69 15.73 1.16 -4.25
N VAL B 70 16.17 -0.06 -4.52
CA VAL B 70 17.57 -0.35 -4.80
C VAL B 70 17.68 -1.12 -6.13
N HIS B 71 18.49 -0.59 -7.03
CA HIS B 71 18.73 -1.23 -8.32
C HIS B 71 20.23 -1.42 -8.48
N ASN B 72 20.66 -2.66 -8.68
CA ASN B 72 22.08 -2.94 -8.87
C ASN B 72 22.92 -2.35 -7.73
N TYR B 73 22.44 -2.51 -6.49
CA TYR B 73 23.16 -2.13 -5.25
C TYR B 73 23.30 -0.63 -5.02
N LYS B 74 22.57 0.17 -5.81
CA LYS B 74 22.50 1.62 -5.64
C LYS B 74 21.06 2.07 -5.48
N ARG B 75 20.82 3.11 -4.68
CA ARG B 75 19.47 3.62 -4.46
C ARG B 75 18.88 4.22 -5.74
N TRP B 76 17.56 4.16 -5.87
CA TRP B 76 16.87 4.91 -6.93
C TRP B 76 15.60 5.55 -6.40
N CYS B 77 15.09 6.55 -7.12
CA CYS B 77 13.82 7.18 -6.80
C CYS B 77 13.14 7.75 -8.06
N ASP B 78 11.83 7.98 -7.96
CA ASP B 78 11.06 8.61 -9.06
C ASP B 78 9.75 9.17 -8.52
N ILE B 79 9.24 10.20 -9.18
CA ILE B 79 7.97 10.84 -8.82
C ILE B 79 7.07 10.89 -10.05
N VAL B 80 5.82 10.47 -9.90
CA VAL B 80 4.83 10.60 -10.97
C VAL B 80 3.71 11.52 -10.47
N THR B 81 3.39 12.56 -11.23
CA THR B 81 2.35 13.53 -10.86
C THR B 81 1.16 13.45 -11.83
N ASN B 82 0.18 14.33 -11.65
CA ASN B 82 -1.01 14.42 -12.53
C ASN B 82 -1.76 13.09 -12.66
N LEU B 83 -1.87 12.34 -11.56
CA LEU B 83 -2.42 10.98 -11.61
C LEU B 83 -3.91 10.93 -11.96
N ALA B 84 -4.26 10.05 -12.90
CA ALA B 84 -5.67 9.72 -13.15
C ALA B 84 -6.21 8.86 -12.00
N ALA B 85 -7.53 8.77 -11.89
CA ALA B 85 -8.20 7.98 -10.85
C ALA B 85 -7.81 6.50 -10.87
N ASP B 86 -7.52 5.96 -12.05
CA ASP B 86 -7.11 4.55 -12.16
C ASP B 86 -5.59 4.31 -12.05
N GLU B 87 -4.86 5.36 -11.70
CA GLU B 87 -3.40 5.25 -11.51
C GLU B 87 -3.11 5.26 -10.01
N THR B 88 -3.45 4.16 -9.35
CA THR B 88 -3.18 4.00 -7.93
C THR B 88 -1.72 3.63 -7.71
N GLY B 89 -1.27 3.60 -6.46
CA GLY B 89 0.14 3.34 -6.15
C GLY B 89 0.59 1.97 -6.61
N MET B 90 -0.28 0.97 -6.48
CA MET B 90 0.07 -0.39 -6.88
C MET B 90 0.25 -0.53 -8.39
N VAL B 91 -0.54 0.23 -9.15
CA VAL B 91 -0.39 0.29 -10.61
C VAL B 91 0.98 0.88 -10.97
N ILE B 92 1.28 2.05 -10.40
CA ILE B 92 2.56 2.73 -10.64
C ILE B 92 3.77 1.86 -10.22
N ASN B 93 3.72 1.25 -9.04
CA ASN B 93 4.83 0.40 -8.56
C ASN B 93 5.18 -0.72 -9.55
N GLN B 94 4.16 -1.39 -10.08
CA GLN B 94 4.38 -2.51 -11.00
C GLN B 94 4.96 -2.05 -12.34
N GLN B 95 4.55 -0.85 -12.78
CA GLN B 95 5.01 -0.27 -14.04
C GLN B 95 6.52 -0.11 -14.15
N TYR B 96 7.21 0.05 -13.01
CA TYR B 96 8.69 0.13 -12.99
C TYR B 96 9.38 -1.16 -13.42
N TYR B 97 8.61 -2.24 -13.56
CA TYR B 97 9.16 -3.55 -13.94
C TYR B 97 8.50 -4.11 -15.21
N SER B 98 7.65 -3.29 -15.84
CA SER B 98 6.88 -3.70 -17.02
C SER B 98 6.85 -2.66 -18.15
N GLN B 99 6.86 -1.38 -17.77
CA GLN B 99 6.68 -0.28 -18.73
C GLN B 99 8.03 0.37 -19.00
N LYS B 100 8.40 0.44 -20.28
CA LYS B 100 9.78 0.83 -20.63
C LYS B 100 10.24 2.16 -20.04
N ASN B 101 9.43 3.21 -20.15
CA ASN B 101 9.83 4.52 -19.65
C ASN B 101 10.04 4.55 -18.14
N ARG B 102 9.20 3.82 -17.41
CA ARG B 102 9.37 3.71 -15.95
C ARG B 102 10.58 2.85 -15.58
N GLU B 103 10.80 1.75 -16.31
CA GLU B 103 12.00 0.92 -16.13
C GLU B 103 13.27 1.77 -16.23
N GLU B 104 13.34 2.63 -17.23
CA GLU B 104 14.50 3.49 -17.44
C GLU B 104 14.70 4.50 -16.32
N ALA B 105 13.60 5.03 -15.78
CA ALA B 105 13.65 5.93 -14.62
C ALA B 105 14.30 5.26 -13.42
N ARG B 106 13.97 3.98 -13.21
CA ARG B 106 14.56 3.17 -12.14
C ARG B 106 16.06 2.88 -12.39
N GLU B 107 16.39 2.47 -13.62
CA GLU B 107 17.76 2.08 -13.96
C GLU B 107 18.77 3.24 -13.86
N ARG B 108 18.29 4.48 -13.94
CA ARG B 108 19.14 5.67 -13.74
C ARG B 108 19.74 5.80 -12.33
N GLN B 109 19.16 5.09 -11.36
CA GLN B 109 19.71 5.04 -9.98
C GLN B 109 19.92 6.45 -9.41
N LEU B 110 18.92 7.30 -9.51
CA LEU B 110 19.05 8.69 -9.04
C LEU B 110 19.01 8.81 -7.52
N SER B 111 19.91 9.63 -6.97
CA SER B 111 19.88 9.96 -5.53
C SER B 111 19.13 11.27 -5.30
N ASN B 112 18.65 11.88 -6.39
CA ASN B 112 17.89 13.12 -6.32
C ASN B 112 17.07 13.29 -7.60
N TYR B 113 15.82 13.74 -7.44
CA TYR B 113 14.92 13.98 -8.56
C TYR B 113 13.82 14.96 -8.17
N GLU B 114 13.53 15.92 -9.04
CA GLU B 114 12.36 16.81 -8.87
C GLU B 114 11.57 16.99 -10.16
N VAL B 115 10.29 17.33 -10.00
CA VAL B 115 9.35 17.45 -11.12
C VAL B 115 8.14 18.30 -10.67
N LYS B 116 7.50 18.99 -11.62
CA LYS B 116 6.30 19.78 -11.36
C LYS B 116 5.03 19.13 -11.90
N ASN B 117 3.90 19.36 -11.24
CA ASN B 117 2.60 18.93 -11.77
C ASN B 117 1.96 20.03 -12.64
N ALA B 118 0.78 19.75 -13.20
CA ALA B 118 0.10 20.68 -14.12
C ALA B 118 -0.19 22.04 -13.50
N LYS B 119 -0.37 22.08 -12.19
CA LYS B 119 -0.62 23.33 -11.48
C LYS B 119 0.64 24.13 -11.17
N GLY B 120 1.81 23.55 -11.43
CA GLY B 120 3.08 24.22 -11.19
C GLY B 120 3.74 23.93 -9.84
N ARG B 121 3.13 23.03 -9.06
CA ARG B 121 3.72 22.64 -7.77
C ARG B 121 4.95 21.75 -7.98
N ASN B 122 6.02 22.05 -7.26
CA ASN B 122 7.23 21.24 -7.30
C ASN B 122 7.20 20.12 -6.25
N PHE B 123 7.78 18.97 -6.59
CA PHE B 123 7.96 17.85 -5.66
C PHE B 123 9.41 17.36 -5.84
N GLU B 124 10.08 17.04 -4.73
CA GLU B 124 11.48 16.59 -4.80
C GLU B 124 11.75 15.44 -3.85
N ILE B 125 12.54 14.46 -4.33
CA ILE B 125 13.15 13.45 -3.45
C ILE B 125 14.67 13.71 -3.42
N VAL B 126 15.24 13.73 -2.23
CA VAL B 126 16.71 13.81 -2.11
C VAL B 126 17.23 12.90 -1.00
N TYR B 127 18.17 12.03 -1.36
CA TYR B 127 18.85 11.17 -0.38
C TYR B 127 19.98 11.94 0.31
N THR B 128 19.88 12.07 1.63
CA THR B 128 20.89 12.74 2.45
C THR B 128 21.93 11.74 2.95
N GLU B 129 21.60 10.45 2.87
CA GLU B 129 22.58 9.38 3.00
C GLU B 129 22.34 8.43 1.83
N ALA B 130 23.23 8.50 0.83
CA ALA B 130 22.99 7.86 -0.47
C ALA B 130 23.88 6.65 -0.73
N GLU B 131 24.59 6.18 0.29
CA GLU B 131 25.54 5.08 0.14
C GLU B 131 25.27 3.97 1.16
N GLY B 132 25.61 2.74 0.79
CA GLY B 132 25.49 1.62 1.72
C GLY B 132 24.09 1.05 1.82
N ASN B 133 23.84 0.29 2.89
CA ASN B 133 22.56 -0.43 3.05
C ASN B 133 21.54 0.29 3.93
N ASP B 134 21.96 1.37 4.58
CA ASP B 134 21.11 2.15 5.49
C ASP B 134 20.94 3.55 4.91
N LEU B 135 19.91 3.70 4.08
CA LEU B 135 19.75 4.87 3.21
C LEU B 135 18.69 5.82 3.76
N HIS B 136 18.89 7.12 3.55
CA HIS B 136 18.02 8.16 4.11
C HIS B 136 17.63 9.19 3.05
N ALA B 137 16.33 9.51 2.99
CA ALA B 137 15.84 10.45 1.99
C ALA B 137 14.80 11.42 2.53
N ASN B 138 14.79 12.62 1.97
CA ASN B 138 13.71 13.60 2.21
C ASN B 138 12.77 13.64 1.01
N LEU B 139 11.46 13.71 1.29
CA LEU B 139 10.48 14.05 0.28
C LEU B 139 9.96 15.45 0.60
N ILE B 140 10.23 16.40 -0.31
CA ILE B 140 9.90 17.82 -0.11
C ILE B 140 8.79 18.26 -1.09
N ILE B 141 7.67 18.74 -0.54
CA ILE B 141 6.52 19.15 -1.33
C ILE B 141 6.51 20.69 -1.40
N GLY B 142 6.43 21.23 -2.61
CA GLY B 142 6.45 22.68 -2.82
C GLY B 142 5.06 23.31 -2.78
#